data_7B62
#
_entry.id   7B62
#
_cell.length_a   98.070
_cell.length_b   100.190
_cell.length_c   85.970
_cell.angle_alpha   90.000
_cell.angle_beta   90.000
_cell.angle_gamma   90.000
#
_symmetry.space_group_name_H-M   'C 2 2 21'
#
loop_
_entity.id
_entity.type
_entity.pdbx_description
1 polymer 'Spike glycoprotein'
2 non-polymer 'BILIVERDINE IX ALPHA'
3 non-polymer 2-acetamido-2-deoxy-beta-D-glucopyranose
4 non-polymer 'TETRAETHYLENE GLYCOL'
5 non-polymer DI(HYDROXYETHYL)ETHER
6 non-polymer 'TRIETHYLENE GLYCOL'
7 non-polymer 'PENTAETHYLENE GLYCOL'
8 water water
#
_entity_poly.entity_id   1
_entity_poly.type   'polypeptide(L)'
_entity_poly.pdbx_seq_one_letter_code
;MFVFLVLLPLVSSQCVNLTTRTQLPPAYTNSFTRGVYYPDKVFRSSVLHSTQDLFLPFFSNVTWFHAIHVSGTNGTKRFD
NPVLPFNDGVYFASTEKSNIIRGWIFGTTLDSKTQSLLIVNNATNVVIKVCEFQFCNDPFLGVYYHKNNKSWMESEFRVY
SSANNCTFEYVSQPFLMDLEGKQGNFKNLREFVFKNIDGYFKIYSKHTPINLVRDLPQGFSALEPLVDLPIGINITRFQT
LLALHRSYLTPGDSSSGWTAGAAAYYVGYLQPRTFLLKYNENGTITDAVDCALDPLSETKCTLKSFTVEKGSSGLEVLFQ
GP
;
_entity_poly.pdbx_strand_id   A
#
# COMPACT_ATOMS: atom_id res chain seq x y z
N GLN A 14 17.15 5.64 -19.44
CA GLN A 14 15.81 5.24 -19.07
C GLN A 14 15.16 6.42 -18.39
N CYS A 15 15.93 7.11 -17.55
CA CYS A 15 15.31 8.02 -16.59
CA CYS A 15 15.33 8.03 -16.59
C CYS A 15 14.77 9.27 -17.26
N VAL A 16 13.60 9.70 -16.78
CA VAL A 16 12.97 10.94 -17.23
C VAL A 16 12.51 11.66 -15.98
N ASN A 17 12.90 12.94 -15.83
CA ASN A 17 12.29 13.80 -14.81
C ASN A 17 11.03 14.44 -15.41
N LEU A 18 9.86 14.10 -14.88
CA LEU A 18 8.62 14.66 -15.42
C LEU A 18 8.50 16.13 -15.05
N THR A 19 7.95 16.91 -15.96
CA THR A 19 7.53 18.28 -15.72
C THR A 19 6.01 18.35 -15.77
N THR A 20 5.46 19.54 -15.49
CA THR A 20 4.04 19.92 -15.51
C THR A 20 3.26 19.53 -14.25
N ARG A 21 3.85 18.88 -13.26
CA ARG A 21 3.15 18.76 -11.97
C ARG A 21 2.90 20.15 -11.40
N THR A 22 1.80 20.30 -10.66
CA THR A 22 1.49 21.54 -9.99
C THR A 22 1.61 21.36 -8.48
N GLN A 23 1.56 22.48 -7.76
CA GLN A 23 1.71 22.43 -6.31
C GLN A 23 0.37 22.18 -5.62
N LEU A 24 0.41 21.42 -4.53
CA LEU A 24 -0.78 21.09 -3.80
C LEU A 24 -0.32 20.82 -2.37
N PRO A 25 -1.03 21.33 -1.35
CA PRO A 25 -0.63 21.03 0.02
C PRO A 25 -0.77 19.55 0.31
N PRO A 26 0.02 19.02 1.25
CA PRO A 26 -0.17 17.61 1.67
C PRO A 26 -1.54 17.39 2.26
N ALA A 27 -2.08 16.20 2.03
CA ALA A 27 -3.43 15.88 2.44
C ALA A 27 -3.45 14.59 3.27
N TYR A 28 -4.52 14.43 4.03
CA TYR A 28 -4.60 13.38 5.04
C TYR A 28 -6.01 12.80 5.08
N THR A 29 -6.13 11.61 5.65
CA THR A 29 -7.43 11.01 5.89
C THR A 29 -7.32 10.14 7.14
N ASN A 30 -8.46 9.54 7.52
N ASN A 30 -8.45 9.55 7.54
CA ASN A 30 -8.56 8.79 8.78
CA ASN A 30 -8.52 8.80 8.79
C ASN A 30 -8.56 7.30 8.48
C ASN A 30 -8.55 7.31 8.49
N SER A 31 -7.73 6.54 9.21
CA SER A 31 -7.62 5.10 8.97
C SER A 31 -8.75 4.26 9.59
N PHE A 32 -9.63 4.85 10.39
CA PHE A 32 -10.73 4.10 11.03
C PHE A 32 -10.11 2.88 11.73
N THR A 33 -10.60 1.67 11.51
CA THR A 33 -10.03 0.51 12.18
C THR A 33 -9.32 -0.40 11.19
N ARG A 34 -8.74 0.16 10.13
CA ARG A 34 -8.12 -0.64 9.08
C ARG A 34 -6.70 -1.03 9.47
N GLY A 35 -6.17 -2.05 8.77
CA GLY A 35 -4.77 -2.40 8.86
C GLY A 35 -4.43 -3.56 9.77
N VAL A 36 -5.41 -4.16 10.43
CA VAL A 36 -5.08 -5.34 11.24
C VAL A 36 -4.66 -6.47 10.33
N TYR A 37 -3.68 -7.26 10.76
CA TYR A 37 -3.21 -8.42 10.01
C TYR A 37 -3.04 -9.58 11.00
N TYR A 38 -2.95 -10.79 10.47
CA TYR A 38 -2.70 -11.98 11.29
C TYR A 38 -1.25 -11.98 11.78
N PRO A 39 -0.99 -11.82 13.08
CA PRO A 39 0.40 -11.63 13.51
C PRO A 39 1.15 -12.93 13.67
N ASP A 40 0.48 -14.08 13.54
CA ASP A 40 1.18 -15.36 13.64
C ASP A 40 0.37 -16.39 12.85
N LYS A 41 0.80 -17.65 12.92
CA LYS A 41 0.18 -18.73 12.16
C LYS A 41 -0.38 -19.79 13.10
N VAL A 42 -0.75 -19.40 14.33
CA VAL A 42 -1.36 -20.34 15.26
C VAL A 42 -2.77 -20.70 14.79
N PHE A 43 -3.11 -21.99 14.87
CA PHE A 43 -4.44 -22.51 14.55
C PHE A 43 -5.43 -22.12 15.64
N ARG A 44 -6.44 -21.29 15.34
CA ARG A 44 -7.37 -20.85 16.38
C ARG A 44 -8.83 -21.01 15.99
N SER A 45 -9.69 -21.11 17.00
CA SER A 45 -11.12 -21.17 16.76
C SER A 45 -11.84 -20.59 17.97
N SER A 46 -12.62 -19.52 17.74
CA SER A 46 -13.52 -18.94 18.75
C SER A 46 -12.81 -18.57 20.06
N VAL A 47 -11.75 -17.78 19.94
CA VAL A 47 -11.06 -17.28 21.12
C VAL A 47 -10.66 -15.84 20.86
N LEU A 48 -10.46 -15.10 21.94
CA LEU A 48 -9.77 -13.81 21.86
C LEU A 48 -8.31 -14.02 22.22
N HIS A 49 -7.44 -13.27 21.55
CA HIS A 49 -6.02 -13.35 21.79
C HIS A 49 -5.46 -11.95 21.90
N SER A 50 -4.70 -11.70 22.95
CA SER A 50 -4.08 -10.42 23.20
C SER A 50 -2.63 -10.52 22.73
N THR A 51 -2.18 -9.54 21.95
CA THR A 51 -0.79 -9.62 21.53
C THR A 51 -0.23 -8.23 21.31
N GLN A 52 1.06 -8.07 21.63
CA GLN A 52 1.75 -6.82 21.42
C GLN A 52 2.58 -6.99 20.15
N ASP A 53 2.33 -6.16 19.15
CA ASP A 53 3.07 -6.26 17.91
C ASP A 53 3.07 -4.88 17.26
N LEU A 54 3.59 -4.82 16.03
CA LEU A 54 3.64 -3.59 15.27
C LEU A 54 2.31 -3.43 14.53
N PHE A 55 1.50 -2.47 14.97
CA PHE A 55 0.16 -2.26 14.40
C PHE A 55 -0.04 -0.81 14.05
N LEU A 56 -0.97 -0.58 13.12
CA LEU A 56 -1.43 0.77 12.83
C LEU A 56 -2.47 1.18 13.87
N PRO A 57 -2.22 2.21 14.67
CA PRO A 57 -3.24 2.66 15.63
C PRO A 57 -4.56 3.00 14.94
N PHE A 58 -5.66 2.66 15.60
CA PHE A 58 -6.97 3.00 15.06
C PHE A 58 -7.12 4.51 14.99
N PHE A 59 -7.90 4.96 14.01
CA PHE A 59 -8.18 6.38 13.80
C PHE A 59 -6.90 7.19 13.61
N SER A 60 -5.94 6.57 12.94
CA SER A 60 -4.70 7.26 12.59
C SER A 60 -4.93 8.29 11.47
N ASN A 61 -4.17 9.37 11.56
CA ASN A 61 -4.01 10.40 10.54
C ASN A 61 -2.99 9.91 9.49
N VAL A 62 -3.47 9.29 8.40
CA VAL A 62 -2.57 8.74 7.39
C VAL A 62 -2.47 9.72 6.23
N THR A 63 -1.36 9.69 5.54
CA THR A 63 -1.13 10.60 4.43
C THR A 63 -1.77 10.10 3.14
N TRP A 64 -2.34 11.02 2.40
CA TRP A 64 -3.13 10.75 1.21
C TRP A 64 -2.36 11.29 0.00
N PHE A 65 -2.12 10.44 -0.98
CA PHE A 65 -1.36 10.77 -2.17
C PHE A 65 -2.22 10.55 -3.40
N HIS A 66 -2.01 11.36 -4.45
N HIS A 66 -2.03 11.37 -4.45
CA HIS A 66 -2.89 11.38 -5.62
CA HIS A 66 -2.90 11.36 -5.62
C HIS A 66 -2.12 11.20 -6.91
C HIS A 66 -2.12 11.20 -6.91
N ALA A 67 -2.76 10.53 -7.87
CA ALA A 67 -2.49 10.73 -9.28
C ALA A 67 -3.77 11.33 -9.87
N ILE A 68 -3.70 12.52 -10.43
CA ILE A 68 -4.91 13.22 -10.87
CA ILE A 68 -4.90 13.21 -10.87
C ILE A 68 -4.52 14.30 -11.84
N HIS A 69 -5.38 14.53 -12.83
CA HIS A 69 -5.24 15.68 -13.72
C HIS A 69 -6.58 16.38 -13.74
N VAL A 70 -6.67 17.52 -13.09
CA VAL A 70 -7.94 18.21 -12.91
C VAL A 70 -8.26 19.01 -14.17
N SER A 71 -9.54 19.06 -14.53
CA SER A 71 -9.95 19.81 -15.71
C SER A 71 -9.69 21.30 -15.52
N GLY A 72 -9.54 22.00 -16.64
CA GLY A 72 -9.43 23.45 -16.63
C GLY A 72 -8.05 23.95 -17.02
N THR A 73 -7.94 25.27 -17.03
CA THR A 73 -6.70 25.94 -17.37
C THR A 73 -5.78 25.88 -16.17
N ASN A 74 -4.58 25.33 -16.38
CA ASN A 74 -3.65 25.07 -15.28
C ASN A 74 -4.37 24.34 -14.16
N GLY A 75 -5.26 23.42 -14.54
CA GLY A 75 -5.83 22.52 -13.56
C GLY A 75 -4.74 21.74 -12.84
N THR A 76 -5.02 21.42 -11.57
CA THR A 76 -4.09 20.65 -10.75
C THR A 76 -3.66 19.36 -11.44
N LYS A 77 -2.36 19.09 -11.38
CA LYS A 77 -1.81 17.91 -12.02
C LYS A 77 -0.82 17.32 -11.05
N ARG A 78 -1.09 16.11 -10.59
CA ARG A 78 -0.33 15.48 -9.52
C ARG A 78 0.01 14.07 -9.93
N PHE A 79 1.21 13.63 -9.54
CA PHE A 79 1.66 12.29 -9.85
C PHE A 79 2.59 11.96 -8.68
N ASP A 80 1.98 11.65 -7.52
CA ASP A 80 2.71 11.68 -6.25
C ASP A 80 3.50 10.39 -6.09
N ASN A 81 4.82 10.46 -6.23
CA ASN A 81 5.72 9.33 -5.98
C ASN A 81 6.91 9.78 -5.14
N PRO A 82 6.66 10.40 -3.97
CA PRO A 82 7.78 10.83 -3.13
C PRO A 82 8.46 9.65 -2.47
N VAL A 83 9.75 9.82 -2.16
CA VAL A 83 10.39 8.86 -1.25
C VAL A 83 9.90 9.15 0.16
N LEU A 84 9.50 8.10 0.86
CA LEU A 84 8.91 8.24 2.17
C LEU A 84 9.68 7.40 3.18
N PRO A 85 9.63 7.76 4.47
CA PRO A 85 10.22 6.89 5.50
C PRO A 85 9.48 5.56 5.56
N PHE A 86 10.22 4.52 5.95
CA PHE A 86 9.67 3.19 6.22
C PHE A 86 9.47 2.95 7.71
N ASN A 87 10.29 3.61 8.55
CA ASN A 87 10.18 3.53 10.01
CA ASN A 87 10.25 3.52 10.03
C ASN A 87 10.15 2.05 10.42
N ASP A 88 9.16 1.64 11.21
CA ASP A 88 9.10 0.26 11.67
C ASP A 88 8.12 -0.57 10.85
N GLY A 89 7.82 -0.14 9.64
CA GLY A 89 6.85 -0.88 8.86
C GLY A 89 5.65 -0.01 8.51
N VAL A 90 4.93 -0.41 7.49
CA VAL A 90 4.06 0.52 6.77
C VAL A 90 2.71 -0.15 6.54
N TYR A 91 1.64 0.60 6.70
CA TYR A 91 0.35 0.24 6.12
C TYR A 91 0.21 1.01 4.82
N PHE A 92 -0.18 0.32 3.74
CA PHE A 92 -0.30 0.96 2.43
C PHE A 92 -1.63 0.54 1.83
N ALA A 93 -2.43 1.51 1.39
CA ALA A 93 -3.71 1.15 0.79
C ALA A 93 -3.88 1.96 -0.48
N SER A 94 -4.35 1.33 -1.55
CA SER A 94 -4.63 2.07 -2.78
C SER A 94 -6.12 1.92 -3.08
N THR A 95 -6.73 2.98 -3.61
CA THR A 95 -8.11 2.93 -4.10
C THR A 95 -8.03 3.17 -5.59
N GLU A 96 -8.46 2.18 -6.38
CA GLU A 96 -8.12 2.08 -7.78
C GLU A 96 -9.35 1.83 -8.65
N LYS A 97 -9.27 2.29 -9.88
CA LYS A 97 -10.11 1.80 -10.95
C LYS A 97 -9.34 1.44 -12.23
N SER A 98 -8.11 1.92 -12.40
CA SER A 98 -7.36 1.70 -13.65
C SER A 98 -5.97 1.10 -13.44
N ASN A 99 -5.72 0.46 -12.30
CA ASN A 99 -4.46 -0.25 -12.04
C ASN A 99 -3.25 0.68 -12.17
N ILE A 100 -3.33 1.84 -11.50
CA ILE A 100 -2.30 2.87 -11.61
C ILE A 100 -1.11 2.60 -10.68
N ILE A 101 -1.38 2.18 -9.44
CA ILE A 101 -0.28 1.83 -8.54
C ILE A 101 0.26 0.47 -8.98
N ARG A 102 1.56 0.40 -9.22
CA ARG A 102 2.15 -0.84 -9.73
C ARG A 102 3.07 -1.52 -8.76
N GLY A 103 3.45 -0.88 -7.66
CA GLY A 103 4.39 -1.49 -6.75
C GLY A 103 5.23 -0.42 -6.05
N TRP A 104 6.39 -0.86 -5.57
CA TRP A 104 7.21 -0.04 -4.69
C TRP A 104 8.66 -0.46 -4.80
N ILE A 105 9.53 0.45 -4.39
CA ILE A 105 10.92 0.09 -4.13
C ILE A 105 11.19 0.38 -2.66
N PHE A 106 11.99 -0.48 -2.02
CA PHE A 106 12.33 -0.39 -0.61
C PHE A 106 13.84 -0.48 -0.44
N GLY A 107 14.39 0.38 0.40
CA GLY A 107 15.83 0.34 0.57
C GLY A 107 16.34 1.40 1.51
N THR A 108 17.61 1.80 1.33
CA THR A 108 18.18 2.88 2.12
C THR A 108 18.60 4.00 1.18
N THR A 109 19.79 3.89 0.59
CA THR A 109 20.24 4.95 -0.31
C THR A 109 19.44 4.98 -1.61
N LEU A 110 18.81 3.86 -1.99
CA LEU A 110 18.06 3.77 -3.24
C LEU A 110 18.94 4.15 -4.43
N ASP A 111 20.20 3.76 -4.36
CA ASP A 111 21.11 3.96 -5.48
C ASP A 111 22.09 2.79 -5.46
N SER A 112 23.07 2.83 -6.38
CA SER A 112 23.92 1.66 -6.59
C SER A 112 24.83 1.33 -5.42
N LYS A 113 24.90 2.20 -4.41
CA LYS A 113 25.76 1.95 -3.27
C LYS A 113 25.25 0.84 -2.35
N THR A 114 23.95 0.52 -2.39
CA THR A 114 23.36 -0.48 -1.48
C THR A 114 22.37 -1.34 -2.24
N GLN A 115 21.94 -2.42 -1.60
CA GLN A 115 20.90 -3.24 -2.21
CA GLN A 115 20.89 -3.27 -2.16
C GLN A 115 19.52 -2.65 -1.90
N SER A 116 18.60 -2.86 -2.83
CA SER A 116 17.21 -2.45 -2.65
C SER A 116 16.30 -3.56 -3.12
N LEU A 117 15.05 -3.53 -2.64
CA LEU A 117 14.00 -4.46 -3.06
C LEU A 117 13.06 -3.76 -4.03
N LEU A 118 12.76 -4.44 -5.14
CA LEU A 118 11.80 -3.98 -6.14
C LEU A 118 10.66 -4.98 -6.17
N ILE A 119 9.43 -4.50 -6.00
CA ILE A 119 8.21 -5.29 -6.20
C ILE A 119 7.34 -4.52 -7.20
N VAL A 120 7.07 -5.11 -8.36
CA VAL A 120 6.36 -4.31 -9.37
C VAL A 120 5.54 -5.23 -10.28
N ASN A 121 4.35 -4.75 -10.64
CA ASN A 121 3.53 -5.35 -11.68
C ASN A 121 3.78 -4.55 -12.95
N ASN A 122 4.49 -5.14 -13.93
CA ASN A 122 4.80 -4.43 -15.15
C ASN A 122 3.86 -4.79 -16.29
N ALA A 123 2.65 -5.21 -15.95
CA ALA A 123 1.55 -5.46 -16.88
C ALA A 123 1.54 -6.90 -17.36
N THR A 124 2.69 -7.60 -17.37
CA THR A 124 2.68 -9.03 -17.69
C THR A 124 3.15 -9.94 -16.57
N ASN A 125 3.80 -9.42 -15.53
CA ASN A 125 4.34 -10.24 -14.46
C ASN A 125 4.39 -9.40 -13.20
N VAL A 126 4.36 -10.09 -12.09
CA VAL A 126 4.85 -9.54 -10.83
C VAL A 126 6.33 -9.88 -10.77
N VAL A 127 7.16 -8.87 -10.49
CA VAL A 127 8.60 -9.02 -10.45
C VAL A 127 9.06 -8.63 -9.06
N ILE A 128 9.85 -9.49 -8.43
CA ILE A 128 10.41 -9.22 -7.10
C ILE A 128 11.90 -9.45 -7.20
N LYS A 129 12.69 -8.39 -7.02
CA LYS A 129 14.12 -8.48 -7.22
C LYS A 129 14.83 -7.66 -6.16
N VAL A 130 15.98 -8.16 -5.72
CA VAL A 130 16.87 -7.44 -4.83
C VAL A 130 18.21 -7.28 -5.55
N CYS A 131 18.61 -6.04 -5.81
CA CYS A 131 19.84 -5.73 -6.54
C CYS A 131 20.41 -4.43 -6.01
N GLU A 132 21.66 -4.14 -6.38
CA GLU A 132 22.16 -2.75 -6.38
C GLU A 132 21.55 -2.02 -7.58
N PHE A 133 20.45 -1.30 -7.34
CA PHE A 133 19.70 -0.59 -8.35
C PHE A 133 20.12 0.87 -8.33
N GLN A 134 20.37 1.45 -9.50
CA GLN A 134 20.51 2.90 -9.59
C GLN A 134 19.14 3.43 -10.00
N PHE A 135 18.29 3.72 -9.01
CA PHE A 135 16.92 4.09 -9.34
C PHE A 135 16.87 5.48 -9.94
N CYS A 136 15.89 5.69 -10.82
CA CYS A 136 15.64 7.02 -11.35
C CYS A 136 15.16 7.97 -10.26
N ASN A 137 15.48 9.25 -10.41
CA ASN A 137 14.97 10.27 -9.51
C ASN A 137 13.44 10.33 -9.52
N ASP A 138 12.83 10.05 -10.68
CA ASP A 138 11.39 10.15 -10.88
C ASP A 138 10.95 8.85 -11.53
N PRO A 139 10.90 7.75 -10.79
CA PRO A 139 10.64 6.44 -11.42
C PRO A 139 9.16 6.31 -11.74
N PHE A 140 8.85 5.67 -12.87
CA PHE A 140 7.46 5.49 -13.25
C PHE A 140 7.38 4.47 -14.37
N LEU A 141 6.16 3.95 -14.56
CA LEU A 141 5.81 3.10 -15.67
C LEU A 141 4.83 3.87 -16.54
N GLY A 142 4.71 3.46 -17.79
CA GLY A 142 3.89 4.20 -18.73
C GLY A 142 3.02 3.32 -19.61
N VAL A 143 1.81 3.79 -19.85
CA VAL A 143 0.83 3.14 -20.71
C VAL A 143 0.56 4.09 -21.86
N TYR A 144 0.38 3.53 -23.04
CA TYR A 144 0.06 4.30 -24.23
C TYR A 144 -1.30 3.89 -24.75
N TYR A 145 -2.17 4.87 -25.02
CA TYR A 145 -3.48 4.63 -25.62
C TYR A 145 -3.39 4.96 -27.10
N HIS A 146 -3.67 3.97 -27.95
CA HIS A 146 -3.57 4.12 -29.40
C HIS A 146 -4.97 4.35 -29.93
N LYS A 147 -5.21 5.54 -30.46
CA LYS A 147 -6.56 5.92 -30.85
C LYS A 147 -7.14 4.94 -31.88
N ASN A 148 -6.35 4.54 -32.88
CA ASN A 148 -6.93 3.87 -34.04
C ASN A 148 -7.46 2.48 -33.73
N ASN A 149 -6.83 1.71 -32.83
CA ASN A 149 -7.42 0.44 -32.45
C ASN A 149 -7.92 0.43 -31.02
N LYS A 150 -7.96 1.59 -30.35
CA LYS A 150 -8.57 1.74 -29.01
C LYS A 150 -7.90 0.82 -28.00
N SER A 151 -6.58 0.73 -28.07
CA SER A 151 -5.82 -0.26 -27.31
C SER A 151 -4.95 0.47 -26.30
N TRP A 152 -4.96 0.00 -25.05
CA TRP A 152 -4.07 0.50 -24.00
C TRP A 152 -2.92 -0.49 -23.83
N MET A 153 -1.68 -0.05 -24.04
CA MET A 153 -0.57 -0.99 -24.06
C MET A 153 0.59 -0.51 -23.20
N GLU A 154 1.23 -1.44 -22.52
CA GLU A 154 2.36 -1.11 -21.67
C GLU A 154 3.54 -0.68 -22.55
N SER A 155 4.10 0.51 -22.28
CA SER A 155 5.06 1.05 -23.22
CA SER A 155 5.00 1.16 -23.22
C SER A 155 6.32 1.60 -22.60
N GLU A 156 6.32 1.92 -21.30
CA GLU A 156 7.50 2.49 -20.65
C GLU A 156 7.74 1.81 -19.31
N PHE A 157 9.03 1.57 -19.02
CA PHE A 157 9.47 1.06 -17.71
C PHE A 157 10.73 1.85 -17.37
N ARG A 158 10.55 2.94 -16.62
CA ARG A 158 11.62 3.89 -16.35
C ARG A 158 11.90 3.97 -14.85
N VAL A 159 12.34 2.86 -14.28
CA VAL A 159 12.46 2.73 -12.83
C VAL A 159 13.92 2.83 -12.39
N TYR A 160 14.83 2.21 -13.14
CA TYR A 160 16.25 2.24 -12.80
C TYR A 160 17.06 2.26 -14.09
N SER A 161 18.28 2.81 -13.99
CA SER A 161 19.19 2.89 -15.12
C SER A 161 20.27 1.81 -15.08
N SER A 162 20.41 1.10 -13.96
CA SER A 162 21.32 -0.05 -13.93
C SER A 162 20.91 -0.90 -12.74
N ALA A 163 21.25 -2.18 -12.82
CA ALA A 163 20.95 -3.16 -11.78
C ALA A 163 22.09 -4.16 -11.77
N ASN A 164 22.81 -4.24 -10.66
CA ASN A 164 24.00 -5.07 -10.57
C ASN A 164 23.97 -5.90 -9.29
N ASN A 165 24.68 -7.05 -9.32
CA ASN A 165 24.86 -7.89 -8.13
C ASN A 165 23.52 -8.31 -7.53
N CYS A 166 22.64 -8.86 -8.36
CA CYS A 166 21.32 -9.31 -7.92
CA CYS A 166 21.33 -9.25 -7.85
C CYS A 166 21.45 -10.49 -6.97
N THR A 167 20.75 -10.44 -5.85
CA THR A 167 20.81 -11.50 -4.86
C THR A 167 19.50 -12.25 -4.70
N PHE A 168 18.42 -11.77 -5.32
CA PHE A 168 17.12 -12.41 -5.21
C PHE A 168 16.33 -12.06 -6.46
N GLU A 169 15.71 -13.03 -7.09
CA GLU A 169 14.83 -12.73 -8.21
C GLU A 169 13.68 -13.72 -8.29
N TYR A 170 12.47 -13.21 -8.29
CA TYR A 170 11.27 -14.01 -8.56
C TYR A 170 10.48 -13.32 -9.65
N VAL A 171 10.06 -14.08 -10.67
CA VAL A 171 9.17 -13.52 -11.69
C VAL A 171 7.97 -14.45 -11.79
N SER A 172 6.77 -13.91 -11.59
CA SER A 172 5.56 -14.71 -11.56
C SER A 172 5.27 -15.32 -12.92
N GLN A 173 4.33 -16.26 -12.93
CA GLN A 173 3.73 -16.71 -14.17
CA GLN A 173 3.70 -16.71 -14.16
C GLN A 173 3.15 -15.50 -14.90
N PRO A 174 3.08 -15.53 -16.23
CA PRO A 174 2.64 -14.35 -16.98
C PRO A 174 1.13 -14.15 -16.96
N PHE A 175 0.73 -12.91 -17.22
CA PHE A 175 -0.69 -12.55 -17.34
C PHE A 175 -0.77 -11.36 -18.29
N LEU A 176 -1.99 -10.88 -18.54
CA LEU A 176 -2.16 -9.63 -19.27
C LEU A 176 -3.14 -8.75 -18.50
N MET A 177 -2.62 -7.76 -17.79
CA MET A 177 -3.48 -6.93 -16.97
C MET A 177 -4.26 -5.94 -17.83
N ASP A 178 -5.51 -5.69 -17.42
CA ASP A 178 -6.33 -4.65 -18.06
C ASP A 178 -5.74 -3.27 -17.76
N LEU A 179 -5.32 -2.56 -18.80
CA LEU A 179 -4.67 -1.26 -18.63
C LEU A 179 -5.57 -0.08 -18.98
N GLU A 180 -6.82 -0.33 -19.33
CA GLU A 180 -7.72 0.74 -19.76
C GLU A 180 -7.91 1.77 -18.64
N GLY A 181 -7.81 3.05 -18.97
CA GLY A 181 -8.23 4.10 -18.06
C GLY A 181 -9.74 4.05 -17.92
N LYS A 182 -10.25 3.88 -16.70
CA LYS A 182 -11.69 3.71 -16.54
C LYS A 182 -12.36 5.00 -16.11
N GLN A 183 -13.65 5.10 -16.42
CA GLN A 183 -14.53 6.14 -15.89
C GLN A 183 -15.17 5.67 -14.57
N GLY A 184 -15.66 6.63 -13.78
CA GLY A 184 -16.43 6.34 -12.57
C GLY A 184 -15.62 6.30 -11.28
N ASN A 185 -16.24 5.70 -10.26
CA ASN A 185 -15.67 5.66 -8.93
C ASN A 185 -14.53 4.64 -8.85
N PHE A 186 -13.76 4.74 -7.78
CA PHE A 186 -12.80 3.69 -7.48
C PHE A 186 -13.54 2.42 -7.10
N LYS A 187 -13.07 1.29 -7.64
CA LYS A 187 -13.74 0.01 -7.49
C LYS A 187 -12.92 -1.04 -6.75
N ASN A 188 -11.64 -0.82 -6.56
CA ASN A 188 -10.79 -1.84 -5.94
C ASN A 188 -10.01 -1.21 -4.81
N LEU A 189 -10.09 -1.81 -3.62
CA LEU A 189 -9.25 -1.43 -2.50
C LEU A 189 -8.18 -2.51 -2.33
N ARG A 190 -6.91 -2.09 -2.33
CA ARG A 190 -5.82 -3.04 -2.17
C ARG A 190 -4.98 -2.57 -1.00
N GLU A 191 -4.94 -3.39 0.05
CA GLU A 191 -4.27 -3.02 1.28
C GLU A 191 -3.07 -3.93 1.51
N PHE A 192 -2.01 -3.35 2.07
CA PHE A 192 -0.79 -4.08 2.36
C PHE A 192 -0.23 -3.65 3.69
N VAL A 193 0.38 -4.60 4.40
CA VAL A 193 1.27 -4.25 5.51
C VAL A 193 2.63 -4.82 5.16
N PHE A 194 3.66 -3.98 5.29
CA PHE A 194 5.04 -4.34 5.06
C PHE A 194 5.83 -4.21 6.37
N LYS A 195 6.55 -5.27 6.73
CA LYS A 195 7.42 -5.32 7.91
C LYS A 195 8.74 -5.91 7.47
N ASN A 196 9.83 -5.46 8.08
CA ASN A 196 11.18 -5.91 7.76
C ASN A 196 11.81 -6.35 9.07
N ILE A 197 11.74 -7.66 9.36
CA ILE A 197 12.04 -8.19 10.69
C ILE A 197 13.08 -9.29 10.53
N ASP A 198 14.26 -9.10 11.14
CA ASP A 198 15.28 -10.15 11.20
C ASP A 198 15.63 -10.70 9.81
N GLY A 199 15.84 -9.79 8.86
CA GLY A 199 16.20 -10.20 7.53
C GLY A 199 15.05 -10.68 6.66
N TYR A 200 13.82 -10.72 7.17
CA TYR A 200 12.67 -11.16 6.39
C TYR A 200 11.75 -9.98 6.11
N PHE A 201 11.46 -9.77 4.83
CA PHE A 201 10.48 -8.77 4.42
C PHE A 201 9.13 -9.46 4.35
N LYS A 202 8.24 -9.14 5.30
CA LYS A 202 6.96 -9.80 5.45
C LYS A 202 5.86 -8.95 4.83
N ILE A 203 4.99 -9.58 4.04
CA ILE A 203 3.91 -8.89 3.34
C ILE A 203 2.59 -9.52 3.74
N TYR A 204 1.63 -8.68 4.11
CA TYR A 204 0.27 -9.09 4.36
C TYR A 204 -0.62 -8.28 3.42
N SER A 205 -1.74 -8.84 2.99
CA SER A 205 -2.51 -8.10 2.00
C SER A 205 -3.97 -8.51 2.04
N LYS A 206 -4.79 -7.67 1.41
CA LYS A 206 -6.23 -7.91 1.28
C LYS A 206 -6.75 -7.08 0.11
N HIS A 207 -7.54 -7.70 -0.76
CA HIS A 207 -8.25 -6.99 -1.84
C HIS A 207 -9.74 -6.97 -1.51
N THR A 208 -10.38 -5.79 -1.66
CA THR A 208 -11.80 -5.63 -1.37
C THR A 208 -12.52 -4.83 -2.44
N PRO A 209 -13.70 -5.26 -2.88
CA PRO A 209 -14.50 -4.40 -3.78
C PRO A 209 -15.00 -3.17 -3.04
N ILE A 210 -14.98 -2.02 -3.71
CA ILE A 210 -15.43 -0.78 -3.12
C ILE A 210 -16.21 0.00 -4.18
N ASN A 211 -16.78 1.12 -3.77
CA ASN A 211 -17.47 2.01 -4.70
C ASN A 211 -17.45 3.41 -4.10
N LEU A 212 -16.32 4.10 -4.20
CA LEU A 212 -16.16 5.38 -3.53
C LEU A 212 -15.29 6.28 -4.39
N VAL A 213 -15.31 7.57 -4.09
CA VAL A 213 -14.44 8.52 -4.77
C VAL A 213 -13.32 9.04 -3.88
N ARG A 214 -13.42 8.87 -2.56
CA ARG A 214 -12.38 9.34 -1.65
C ARG A 214 -12.56 8.62 -0.33
N ASP A 215 -11.54 8.76 0.53
CA ASP A 215 -11.48 8.15 1.86
C ASP A 215 -11.31 6.63 1.77
N LEU A 216 -11.34 5.99 2.92
CA LEU A 216 -11.24 4.55 3.06
C LEU A 216 -12.54 4.01 3.66
N PRO A 217 -12.96 2.80 3.29
CA PRO A 217 -14.20 2.24 3.82
C PRO A 217 -14.06 1.90 5.30
N GLN A 218 -15.19 1.87 5.99
CA GLN A 218 -15.19 1.65 7.43
C GLN A 218 -15.15 0.16 7.79
N GLY A 219 -15.62 -0.72 6.93
CA GLY A 219 -15.85 -2.10 7.34
C GLY A 219 -14.55 -2.83 7.65
N PHE A 220 -14.61 -3.72 8.64
CA PHE A 220 -13.41 -4.37 9.17
C PHE A 220 -12.98 -5.55 8.30
N SER A 221 -11.68 -5.63 8.00
CA SER A 221 -11.08 -6.74 7.25
C SER A 221 -9.64 -6.93 7.69
N ALA A 222 -9.28 -8.13 8.13
CA ALA A 222 -7.89 -8.41 8.49
C ALA A 222 -7.07 -8.78 7.25
N LEU A 223 -5.84 -8.26 7.17
CA LEU A 223 -4.94 -8.60 6.05
C LEU A 223 -4.29 -9.97 6.25
N GLU A 224 -4.24 -10.73 5.20
CA GLU A 224 -3.75 -12.11 5.31
C GLU A 224 -2.29 -12.21 4.87
N PRO A 225 -1.53 -13.13 5.47
CA PRO A 225 -0.12 -13.29 5.10
C PRO A 225 0.00 -13.63 3.63
N LEU A 226 0.83 -12.88 2.93
CA LEU A 226 1.05 -13.12 1.51
C LEU A 226 2.35 -13.89 1.28
N VAL A 227 3.48 -13.33 1.73
CA VAL A 227 4.78 -13.99 1.56
C VAL A 227 5.76 -13.39 2.56
N ASP A 228 6.80 -14.14 2.88
CA ASP A 228 7.96 -13.66 3.63
C ASP A 228 9.20 -13.80 2.75
N LEU A 229 9.82 -12.68 2.38
CA LEU A 229 10.98 -12.71 1.48
C LEU A 229 12.26 -12.77 2.30
N PRO A 230 13.09 -13.81 2.14
CA PRO A 230 14.36 -13.92 2.92
C PRO A 230 15.46 -13.15 2.20
N ILE A 231 15.51 -11.84 2.42
CA ILE A 231 16.38 -10.98 1.63
C ILE A 231 17.48 -10.29 2.43
N GLY A 232 17.34 -10.16 3.76
CA GLY A 232 18.45 -9.70 4.59
C GLY A 232 19.02 -8.35 4.24
N ILE A 233 18.17 -7.36 3.94
CA ILE A 233 18.65 -6.03 3.62
C ILE A 233 18.07 -5.02 4.59
N ASN A 234 18.78 -3.91 4.75
CA ASN A 234 18.31 -2.77 5.51
C ASN A 234 17.27 -1.99 4.72
N ILE A 235 16.20 -1.55 5.40
CA ILE A 235 15.17 -0.76 4.73
C ILE A 235 14.76 0.38 5.64
N THR A 236 14.99 1.60 5.18
CA THR A 236 14.58 2.79 5.89
C THR A 236 13.68 3.71 5.07
N ARG A 237 13.53 3.47 3.77
CA ARG A 237 12.77 4.34 2.88
C ARG A 237 12.09 3.48 1.83
N PHE A 238 11.00 4.03 1.26
CA PHE A 238 10.34 3.36 0.16
C PHE A 238 9.75 4.40 -0.77
N GLN A 239 9.43 3.97 -1.99
CA GLN A 239 8.89 4.90 -2.99
C GLN A 239 7.91 4.13 -3.84
N THR A 240 6.74 4.72 -4.11
CA THR A 240 5.68 4.01 -4.83
C THR A 240 5.89 4.15 -6.33
N LEU A 241 5.63 3.07 -7.08
CA LEU A 241 5.74 3.07 -8.54
C LEU A 241 4.34 3.20 -9.15
N LEU A 242 4.16 4.27 -9.94
CA LEU A 242 2.90 4.57 -10.60
C LEU A 242 3.06 4.47 -12.11
N ALA A 243 1.95 4.20 -12.80
CA ALA A 243 1.90 4.23 -14.25
C ALA A 243 1.21 5.51 -14.68
N LEU A 244 1.83 6.24 -15.60
CA LEU A 244 1.16 7.35 -16.25
C LEU A 244 0.58 6.90 -17.61
N HIS A 245 -0.17 7.81 -18.24
CA HIS A 245 -0.81 7.60 -19.53
C HIS A 245 -0.26 8.57 -20.58
N ARG A 246 -0.07 8.09 -21.78
CA ARG A 246 0.23 8.97 -22.90
C ARG A 246 -0.68 8.60 -24.05
N SER A 247 -1.03 9.61 -24.86
CA SER A 247 -1.89 9.42 -26.04
C SER A 247 -1.81 10.66 -26.93
N TYR A 248 -2.54 10.62 -28.04
CA TYR A 248 -2.72 11.81 -28.86
C TYR A 248 -3.27 12.99 -28.05
N LEU A 249 -3.92 12.73 -26.92
CA LEU A 249 -4.43 13.81 -26.07
C LEU A 249 -3.37 14.39 -25.13
N THR A 250 -2.16 13.82 -25.07
CA THR A 250 -1.13 14.30 -24.15
C THR A 250 0.12 14.74 -24.94
N PRO A 251 0.00 15.75 -25.79
CA PRO A 251 1.15 16.18 -26.59
C PRO A 251 2.22 16.82 -25.71
N GLY A 252 3.45 16.69 -26.15
CA GLY A 252 4.59 17.15 -25.38
C GLY A 252 5.81 16.28 -25.67
N ASP A 253 6.86 16.49 -24.88
CA ASP A 253 8.04 15.65 -24.98
C ASP A 253 7.98 14.57 -23.90
N SER A 254 9.09 13.82 -23.73
CA SER A 254 9.06 12.74 -22.76
C SER A 254 8.74 13.26 -21.36
N SER A 255 9.15 14.49 -21.03
CA SER A 255 8.88 15.00 -19.69
CA SER A 255 8.89 15.03 -19.70
C SER A 255 7.48 15.59 -19.55
N SER A 256 6.92 16.15 -20.62
CA SER A 256 5.66 16.89 -20.51
C SER A 256 4.46 16.23 -21.17
N GLY A 257 4.67 15.30 -22.09
CA GLY A 257 3.54 14.74 -22.83
C GLY A 257 2.95 13.52 -22.16
N TRP A 258 2.18 13.73 -21.11
CA TRP A 258 1.62 12.67 -20.27
C TRP A 258 0.43 13.21 -19.48
N THR A 259 -0.39 12.30 -18.98
CA THR A 259 -1.44 12.66 -18.03
C THR A 259 -1.49 11.55 -17.00
N ALA A 260 -2.24 11.81 -15.93
CA ALA A 260 -2.41 10.83 -14.86
C ALA A 260 -3.82 10.30 -14.91
N GLY A 261 -3.96 8.98 -14.90
CA GLY A 261 -5.24 8.38 -14.62
C GLY A 261 -5.49 8.47 -13.11
N ALA A 262 -6.71 8.82 -12.76
CA ALA A 262 -7.03 9.03 -11.34
C ALA A 262 -6.75 7.78 -10.50
N ALA A 263 -6.09 7.98 -9.36
CA ALA A 263 -5.80 6.95 -8.37
C ALA A 263 -5.42 7.66 -7.07
N ALA A 264 -5.61 6.97 -5.94
CA ALA A 264 -5.18 7.49 -4.65
C ALA A 264 -4.50 6.38 -3.84
N TYR A 265 -3.56 6.75 -2.99
CA TYR A 265 -3.06 5.76 -2.05
C TYR A 265 -2.75 6.42 -0.72
N TYR A 266 -2.63 5.59 0.31
CA TYR A 266 -2.59 6.06 1.69
C TYR A 266 -1.48 5.34 2.43
N VAL A 267 -0.74 6.06 3.26
CA VAL A 267 0.40 5.48 3.96
C VAL A 267 0.24 5.78 5.45
N GLY A 268 0.28 4.74 6.28
CA GLY A 268 0.34 4.88 7.72
C GLY A 268 1.51 4.10 8.27
N TYR A 269 1.90 4.40 9.51
CA TYR A 269 3.06 3.77 10.12
C TYR A 269 2.67 2.89 11.29
N LEU A 270 3.19 1.66 11.28
CA LEU A 270 3.00 0.75 12.39
C LEU A 270 3.79 1.21 13.60
N GLN A 271 3.28 0.91 14.80
CA GLN A 271 4.07 1.13 16.01
C GLN A 271 3.69 0.07 17.04
N PRO A 272 4.49 -0.09 18.10
CA PRO A 272 4.20 -1.17 19.07
C PRO A 272 2.89 -0.90 19.78
N ARG A 273 1.94 -1.81 19.63
CA ARG A 273 0.65 -1.67 20.29
C ARG A 273 0.20 -3.02 20.83
N THR A 274 -0.58 -2.99 21.91
CA THR A 274 -1.28 -4.18 22.38
C THR A 274 -2.68 -4.18 21.77
N PHE A 275 -2.99 -5.24 21.02
CA PHE A 275 -4.30 -5.39 20.40
C PHE A 275 -4.96 -6.64 20.97
N LEU A 276 -6.27 -6.58 21.12
CA LEU A 276 -7.09 -7.75 21.45
C LEU A 276 -7.76 -8.17 20.15
N LEU A 277 -7.50 -9.38 19.70
CA LEU A 277 -7.97 -9.86 18.42
C LEU A 277 -9.03 -10.93 18.62
N LYS A 278 -10.12 -10.85 17.86
CA LYS A 278 -11.19 -11.84 17.92
C LYS A 278 -11.07 -12.79 16.75
N TYR A 279 -10.89 -14.08 17.06
CA TYR A 279 -10.88 -15.14 16.07
C TYR A 279 -12.20 -15.88 16.12
N ASN A 280 -12.86 -16.02 14.98
CA ASN A 280 -14.18 -16.65 14.99
C ASN A 280 -14.03 -18.16 14.89
N GLU A 281 -15.16 -18.85 14.64
CA GLU A 281 -15.18 -20.30 14.63
C GLU A 281 -14.18 -20.89 13.63
N ASN A 282 -13.86 -20.16 12.55
CA ASN A 282 -13.00 -20.67 11.49
C ASN A 282 -11.58 -20.11 11.55
N GLY A 283 -11.25 -19.34 12.57
CA GLY A 283 -9.94 -18.75 12.69
C GLY A 283 -9.79 -17.42 11.98
N THR A 284 -10.88 -16.85 11.48
CA THR A 284 -10.84 -15.53 10.84
C THR A 284 -10.79 -14.47 11.93
N ILE A 285 -9.93 -13.46 11.79
CA ILE A 285 -10.01 -12.30 12.66
C ILE A 285 -11.19 -11.43 12.22
N THR A 286 -12.22 -11.37 13.05
CA THR A 286 -13.43 -10.62 12.69
C THR A 286 -13.57 -9.27 13.39
N ASP A 287 -12.75 -8.98 14.41
CA ASP A 287 -12.78 -7.68 15.07
C ASP A 287 -11.51 -7.53 15.88
N ALA A 288 -11.24 -6.32 16.34
CA ALA A 288 -10.02 -6.07 17.10
C ALA A 288 -10.25 -4.84 17.95
N VAL A 289 -9.54 -4.74 19.09
CA VAL A 289 -9.54 -3.58 19.96
C VAL A 289 -8.12 -3.08 20.05
N ASP A 290 -7.93 -1.78 19.79
CA ASP A 290 -6.62 -1.14 19.96
C ASP A 290 -6.60 -0.64 21.39
N CYS A 291 -5.91 -1.39 22.27
CA CYS A 291 -6.12 -1.23 23.70
CA CYS A 291 -6.04 -1.24 23.71
C CYS A 291 -5.89 0.21 24.15
N ALA A 292 -4.89 0.89 23.61
CA ALA A 292 -4.52 2.23 24.08
C ALA A 292 -5.29 3.35 23.38
N LEU A 293 -6.28 3.02 22.54
CA LEU A 293 -7.03 4.05 21.83
C LEU A 293 -7.74 5.01 22.78
N ASP A 294 -8.48 4.47 23.77
CA ASP A 294 -9.35 5.29 24.63
C ASP A 294 -9.74 4.50 25.87
N PRO A 295 -10.37 5.12 26.87
CA PRO A 295 -10.72 4.35 28.09
C PRO A 295 -11.62 3.17 27.82
N LEU A 296 -12.58 3.30 26.90
CA LEU A 296 -13.40 2.14 26.58
C LEU A 296 -12.56 0.98 26.07
N SER A 297 -11.58 1.25 25.20
CA SER A 297 -10.72 0.18 24.70
C SER A 297 -9.84 -0.37 25.83
N GLU A 298 -9.33 0.49 26.70
CA GLU A 298 -8.54 -0.01 27.82
C GLU A 298 -9.39 -0.92 28.72
N THR A 299 -10.66 -0.59 28.88
CA THR A 299 -11.56 -1.40 29.68
C THR A 299 -11.75 -2.78 29.05
N LYS A 300 -11.98 -2.82 27.73
CA LYS A 300 -12.15 -4.09 27.04
C LYS A 300 -10.92 -4.97 27.19
N CYS A 301 -9.73 -4.38 27.05
CA CYS A 301 -8.52 -5.17 27.17
C CYS A 301 -8.29 -5.64 28.59
N THR A 302 -8.67 -4.84 29.59
CA THR A 302 -8.59 -5.31 30.97
C THR A 302 -9.57 -6.47 31.23
N LEU A 303 -10.79 -6.37 30.73
CA LEU A 303 -11.77 -7.43 30.91
C LEU A 303 -11.56 -8.61 29.97
N LYS A 304 -10.62 -8.50 29.04
CA LYS A 304 -10.43 -9.53 28.01
CA LYS A 304 -10.43 -9.53 28.00
C LYS A 304 -11.76 -9.85 27.32
N SER A 305 -12.47 -8.79 26.92
CA SER A 305 -13.82 -8.95 26.41
C SER A 305 -14.17 -7.80 25.48
N PHE A 306 -14.92 -8.12 24.44
CA PHE A 306 -15.46 -7.08 23.56
C PHE A 306 -16.73 -6.46 24.14
N THR A 307 -17.33 -7.08 25.15
CA THR A 307 -18.52 -6.56 25.81
C THR A 307 -18.15 -6.21 27.25
N VAL A 308 -18.52 -5.01 27.67
CA VAL A 308 -18.19 -4.54 29.01
C VAL A 308 -19.40 -4.40 29.91
N GLU A 309 -20.63 -4.51 29.37
CA GLU A 309 -21.82 -4.29 30.20
C GLU A 309 -21.92 -5.32 31.31
N LYS A 310 -22.27 -4.83 32.51
CA LYS A 310 -22.59 -5.70 33.65
C LYS A 310 -23.75 -6.62 33.31
N GLY A 311 -23.65 -7.88 33.74
CA GLY A 311 -24.72 -8.84 33.57
C GLY A 311 -25.78 -8.76 34.65
N SER A 312 -26.79 -9.63 34.53
CA SER A 312 -27.95 -9.59 35.41
C SER A 312 -28.17 -10.91 36.14
N SER A 313 -27.12 -11.71 36.31
CA SER A 313 -27.25 -12.95 37.06
C SER A 313 -27.30 -12.73 38.56
N GLY A 314 -26.72 -11.64 39.05
CA GLY A 314 -26.60 -11.42 40.48
C GLY A 314 -25.54 -12.24 41.20
N LEU A 315 -24.70 -12.97 40.48
CA LEU A 315 -23.73 -13.84 41.13
C LEU A 315 -22.43 -13.12 41.50
N GLU A 316 -22.30 -11.82 41.23
CA GLU A 316 -21.09 -11.10 41.60
C GLU A 316 -20.86 -11.13 43.12
N VAL A 317 -21.94 -11.05 43.91
CA VAL A 317 -21.84 -10.92 45.36
C VAL A 317 -21.15 -12.11 45.99
N LEU A 318 -21.16 -13.28 45.34
CA LEU A 318 -20.47 -14.43 45.89
C LEU A 318 -18.98 -14.38 45.58
N PHE A 319 -18.62 -14.06 44.34
CA PHE A 319 -17.23 -14.20 43.89
C PHE A 319 -16.57 -12.86 43.52
#